data_1J47
#
_entry.id   1J47
#
_cell.length_a   ?
_cell.length_b   ?
_cell.length_c   ?
_cell.angle_alpha   ?
_cell.angle_beta   ?
_cell.angle_gamma   ?
#
loop_
_entity.id
_entity.type
_entity.pdbx_description
1 polymer "5'-D(*CP*CP*TP*GP*CP*AP*CP*AP*AP*AP*CP*AP*CP*C)-3'"
2 polymer "5'-D(*GP*GP*TP*GP*TP*TP*TP*GP*TP*GP*CP*AP*GP*G)-3'"
3 polymer 'SEX-DETERMINING REGION Y PROTEIN'
#
loop_
_entity_poly.entity_id
_entity_poly.type
_entity_poly.pdbx_seq_one_letter_code
_entity_poly.pdbx_strand_id
1 'polydeoxyribonucleotide' (DC)(DC)(DT)(DG)(DC)(DA)(DC)(DA)(DA)(DA)(DC)(DA)(DC)(DC) B
2 'polydeoxyribonucleotide' (DG)(DG)(DT)(DG)(DT)(DT)(DT)(DG)(DT)(DG)(DC)(DA)(DG)(DG) C
3 'polypeptide(L)'
;MQDRVKRPINAFIVWSRDQRRKMALENPRMRNSEISKQLGYQWKMLTEAEKWPFFQEAQKLQAMHREKYPNYKYRPRRKA
KMLPK
;
A
#
loop_
_chem_comp.id
_chem_comp.type
_chem_comp.name
_chem_comp.formula
DA DNA linking 2'-DEOXYADENOSINE-5'-MONOPHOSPHATE 'C10 H14 N5 O6 P'
DC DNA linking 2'-DEOXYCYTIDINE-5'-MONOPHOSPHATE 'C9 H14 N3 O7 P'
DG DNA linking 2'-DEOXYGUANOSINE-5'-MONOPHOSPHATE 'C10 H14 N5 O7 P'
DT DNA linking THYMIDINE-5'-MONOPHOSPHATE 'C10 H15 N2 O8 P'
#
# COMPACT_ATOMS: atom_id res chain seq x y z
N MET C 1 -21.55 19.24 1.23
CA MET C 1 -20.82 17.96 1.41
C MET C 1 -19.44 18.05 0.77
N GLN C 2 -18.42 17.66 1.48
CA GLN C 2 -17.04 17.74 0.92
C GLN C 2 -16.52 16.34 0.63
N ASP C 3 -15.89 16.15 -0.50
CA ASP C 3 -15.32 14.82 -0.82
C ASP C 3 -13.83 14.85 -0.49
N ARG C 4 -13.39 14.04 0.44
CA ARG C 4 -11.95 14.06 0.81
C ARG C 4 -11.20 13.08 -0.09
N VAL C 5 -9.97 13.40 -0.41
CA VAL C 5 -9.16 12.53 -1.31
C VAL C 5 -8.27 11.59 -0.48
N LYS C 6 -8.29 10.34 -0.82
CA LYS C 6 -7.46 9.36 -0.06
C LYS C 6 -6.10 9.22 -0.75
N ARG C 7 -5.06 9.03 0.01
CA ARG C 7 -3.70 8.90 -0.60
C ARG C 7 -3.61 7.63 -1.47
N PRO C 8 -2.84 7.69 -2.52
CA PRO C 8 -2.63 6.49 -3.40
C PRO C 8 -1.97 5.36 -2.61
N ILE C 9 -2.37 4.14 -2.86
CA ILE C 9 -1.80 3.00 -2.11
C ILE C 9 -0.49 2.55 -2.76
N ASN C 10 0.45 2.10 -1.96
CA ASN C 10 1.78 1.70 -2.51
C ASN C 10 1.76 0.29 -3.12
N ALA C 11 2.90 -0.12 -3.61
CA ALA C 11 3.06 -1.45 -4.26
C ALA C 11 2.74 -2.62 -3.32
N PHE C 12 2.68 -2.42 -2.03
CA PHE C 12 2.40 -3.56 -1.13
C PHE C 12 0.90 -3.84 -1.06
N ILE C 13 0.10 -2.82 -0.97
CA ILE C 13 -1.37 -3.06 -0.89
C ILE C 13 -1.85 -3.56 -2.25
N VAL C 14 -1.43 -2.93 -3.32
CA VAL C 14 -1.85 -3.40 -4.67
C VAL C 14 -1.59 -4.91 -4.76
N TRP C 15 -0.39 -5.30 -4.42
CA TRP C 15 -0.02 -6.75 -4.42
C TRP C 15 -0.84 -7.50 -3.38
N SER C 16 -0.98 -6.94 -2.21
CA SER C 16 -1.73 -7.64 -1.13
C SER C 16 -3.25 -7.69 -1.41
N ARG C 17 -3.82 -6.73 -2.07
CA ARG C 17 -5.29 -6.84 -2.31
C ARG C 17 -5.56 -8.06 -3.19
N ASP C 18 -4.71 -8.28 -4.16
CA ASP C 18 -4.89 -9.45 -5.05
C ASP C 18 -4.42 -10.72 -4.34
N GLN C 19 -3.29 -10.63 -3.70
CA GLN C 19 -2.73 -11.82 -2.99
C GLN C 19 -3.55 -12.13 -1.73
N ARG C 20 -4.09 -11.11 -1.11
CA ARG C 20 -4.90 -11.35 0.13
C ARG C 20 -6.12 -12.18 -0.22
N ARG C 21 -6.83 -11.85 -1.27
CA ARG C 21 -8.04 -12.64 -1.62
C ARG C 21 -7.66 -14.08 -1.91
N LYS C 22 -6.61 -14.31 -2.66
CA LYS C 22 -6.20 -15.70 -2.98
C LYS C 22 -5.83 -16.45 -1.70
N MET C 23 -5.17 -15.79 -0.80
CA MET C 23 -4.79 -16.47 0.47
C MET C 23 -6.07 -16.75 1.26
N ALA C 24 -7.09 -15.97 1.07
CA ALA C 24 -8.35 -16.21 1.81
C ALA C 24 -9.14 -17.32 1.12
N LEU C 25 -9.04 -17.41 -0.19
CA LEU C 25 -9.76 -18.49 -0.91
C LEU C 25 -9.05 -19.82 -0.65
N GLU C 26 -7.74 -19.79 -0.62
CA GLU C 26 -6.97 -21.04 -0.36
C GLU C 26 -6.83 -21.27 1.15
N ASN C 27 -6.91 -20.21 1.93
CA ASN C 27 -6.82 -20.36 3.41
C ASN C 27 -8.03 -19.66 4.05
N PRO C 28 -9.21 -20.18 3.83
CA PRO C 28 -10.44 -19.58 4.40
C PRO C 28 -10.49 -19.65 5.92
N ARG C 29 -9.56 -20.35 6.53
CA ARG C 29 -9.54 -20.47 8.01
C ARG C 29 -8.48 -19.50 8.56
N MET C 30 -7.62 -19.00 7.71
CA MET C 30 -6.54 -18.09 8.21
C MET C 30 -7.09 -16.67 8.38
N ARG C 31 -6.77 -16.06 9.49
CA ARG C 31 -7.27 -14.69 9.76
C ARG C 31 -6.38 -13.66 9.05
N ASN C 32 -6.94 -12.52 8.77
CA ASN C 32 -6.14 -11.49 8.04
C ASN C 32 -4.86 -11.14 8.80
N SER C 33 -4.91 -11.11 10.11
CA SER C 33 -3.68 -10.72 10.85
C SER C 33 -2.58 -11.75 10.65
N GLU C 34 -2.94 -12.99 10.47
CA GLU C 34 -1.90 -14.02 10.24
C GLU C 34 -1.48 -13.96 8.76
N ILE C 35 -2.43 -13.72 7.88
CA ILE C 35 -2.09 -13.60 6.44
C ILE C 35 -1.14 -12.41 6.25
N SER C 36 -1.44 -11.32 6.89
CA SER C 36 -0.56 -10.12 6.75
C SER C 36 0.87 -10.51 7.10
N LYS C 37 1.02 -11.26 8.17
CA LYS C 37 2.35 -11.70 8.60
C LYS C 37 2.98 -12.62 7.54
N GLN C 38 2.21 -13.49 6.94
CA GLN C 38 2.78 -14.38 5.88
C GLN C 38 3.07 -13.56 4.63
N LEU C 39 2.21 -12.63 4.30
CA LEU C 39 2.44 -11.81 3.07
C LEU C 39 3.73 -11.01 3.23
N GLY C 40 3.95 -10.43 4.37
CA GLY C 40 5.20 -9.65 4.58
C GLY C 40 6.38 -10.61 4.41
N TYR C 41 6.25 -11.80 4.93
CA TYR C 41 7.35 -12.79 4.80
C TYR C 41 7.57 -13.15 3.31
N GLN C 42 6.51 -13.42 2.60
CA GLN C 42 6.65 -13.76 1.16
C GLN C 42 7.10 -12.53 0.36
N TRP C 43 6.59 -11.38 0.69
CA TRP C 43 6.96 -10.15 -0.07
C TRP C 43 8.45 -9.85 0.10
N LYS C 44 9.03 -10.13 1.24
CA LYS C 44 10.48 -9.87 1.40
C LYS C 44 11.29 -10.93 0.65
N MET C 45 10.62 -11.95 0.19
CA MET C 45 11.33 -13.05 -0.55
C MET C 45 11.25 -12.80 -2.06
N LEU C 46 10.51 -11.79 -2.44
CA LEU C 46 10.39 -11.47 -3.90
C LEU C 46 11.66 -10.72 -4.35
N THR C 47 12.11 -11.02 -5.55
CA THR C 47 13.34 -10.36 -6.07
C THR C 47 13.01 -9.00 -6.67
N GLU C 48 14.00 -8.16 -6.82
CA GLU C 48 13.77 -6.81 -7.38
C GLU C 48 13.09 -6.95 -8.75
N ALA C 49 13.55 -7.88 -9.56
CA ALA C 49 12.94 -8.07 -10.91
C ALA C 49 11.49 -8.51 -10.75
N GLU C 50 11.22 -9.35 -9.79
CA GLU C 50 9.82 -9.81 -9.57
C GLU C 50 8.99 -8.65 -9.02
N LYS C 51 9.56 -7.86 -8.16
CA LYS C 51 8.81 -6.71 -7.58
C LYS C 51 8.78 -5.54 -8.56
N TRP C 52 9.73 -5.43 -9.45
CA TRP C 52 9.72 -4.28 -10.39
C TRP C 52 8.32 -4.07 -10.99
N PRO C 53 7.73 -5.07 -11.63
CA PRO C 53 6.36 -4.91 -12.20
C PRO C 53 5.38 -4.33 -11.18
N PHE C 54 5.46 -4.77 -9.95
CA PHE C 54 4.55 -4.22 -8.91
C PHE C 54 4.97 -2.78 -8.56
N PHE C 55 6.21 -2.45 -8.76
CA PHE C 55 6.65 -1.04 -8.50
C PHE C 55 6.16 -0.17 -9.65
N GLN C 56 6.25 -0.67 -10.85
CA GLN C 56 5.79 0.11 -12.03
C GLN C 56 4.29 0.37 -11.96
N GLU C 57 3.51 -0.63 -11.64
CA GLU C 57 2.04 -0.43 -11.57
C GLU C 57 1.68 0.53 -10.45
N ALA C 58 2.28 0.42 -9.30
CA ALA C 58 1.93 1.35 -8.20
C ALA C 58 2.30 2.77 -8.64
N GLN C 59 3.37 2.90 -9.38
CA GLN C 59 3.73 4.26 -9.85
C GLN C 59 2.65 4.75 -10.81
N LYS C 60 2.09 3.88 -11.61
CA LYS C 60 1.00 4.32 -12.53
C LYS C 60 -0.18 4.77 -11.68
N LEU C 61 -0.49 4.06 -10.63
CA LEU C 61 -1.59 4.48 -9.74
C LEU C 61 -1.25 5.85 -9.17
N GLN C 62 0.00 6.07 -8.85
CA GLN C 62 0.41 7.39 -8.29
C GLN C 62 0.27 8.47 -9.36
N ALA C 63 0.58 8.16 -10.59
CA ALA C 63 0.45 9.20 -11.65
C ALA C 63 -1.03 9.42 -11.95
N MET C 64 -1.80 8.38 -12.03
CA MET C 64 -3.25 8.54 -12.28
C MET C 64 -3.86 9.33 -11.13
N HIS C 65 -3.42 9.07 -9.92
CA HIS C 65 -3.96 9.85 -8.77
C HIS C 65 -3.49 11.29 -8.93
N ARG C 66 -2.26 11.47 -9.34
CA ARG C 66 -1.72 12.84 -9.54
C ARG C 66 -2.50 13.53 -10.66
N GLU C 67 -2.92 12.81 -11.66
CA GLU C 67 -3.65 13.49 -12.76
C GLU C 67 -5.00 13.96 -12.23
N LYS C 68 -5.55 13.28 -11.27
CA LYS C 68 -6.85 13.71 -10.69
C LYS C 68 -6.60 14.91 -9.78
N TYR C 69 -5.56 14.87 -9.00
CA TYR C 69 -5.24 16.01 -8.10
C TYR C 69 -3.75 16.35 -8.23
N PRO C 70 -3.38 17.03 -9.29
CA PRO C 70 -1.97 17.41 -9.56
C PRO C 70 -1.38 18.37 -8.51
N ASN C 71 -2.22 19.06 -7.79
CA ASN C 71 -1.70 20.03 -6.77
C ASN C 71 -1.87 19.46 -5.38
N TYR C 72 -2.12 18.17 -5.27
CA TYR C 72 -2.30 17.55 -3.94
C TYR C 72 -0.98 17.49 -3.16
N LYS C 73 -1.07 17.54 -1.87
CA LYS C 73 0.17 17.41 -1.03
C LYS C 73 -0.11 16.49 0.13
N TYR C 74 0.80 15.62 0.46
CA TYR C 74 0.59 14.73 1.62
C TYR C 74 0.93 15.51 2.89
N ARG C 75 -0.04 15.70 3.74
CA ARG C 75 0.21 16.47 5.00
C ARG C 75 -0.15 15.60 6.20
N PRO C 76 0.82 14.90 6.76
CA PRO C 76 0.58 14.00 7.91
C PRO C 76 0.41 14.76 9.22
N ARG C 77 -0.33 14.18 10.12
CA ARG C 77 -0.55 14.81 11.45
C ARG C 77 0.61 14.47 12.36
N ARG C 78 1.47 15.41 12.62
CA ARG C 78 2.64 15.14 13.52
C ARG C 78 2.21 15.30 14.97
N LYS C 79 2.89 14.65 15.86
CA LYS C 79 2.53 14.72 17.31
C LYS C 79 3.13 15.99 17.91
N ALA C 80 2.44 16.61 18.82
CA ALA C 80 2.98 17.85 19.42
C ALA C 80 4.44 17.60 19.80
N LYS C 81 5.36 17.92 18.93
CA LYS C 81 6.80 17.64 19.21
C LYS C 81 7.60 18.94 19.36
N MET C 82 8.02 19.24 20.56
CA MET C 82 8.83 20.46 20.80
C MET C 82 10.03 20.05 21.66
N LEU C 83 11.19 19.92 21.07
CA LEU C 83 12.38 19.48 21.86
C LEU C 83 13.19 20.68 22.36
N PRO C 84 13.53 20.71 23.64
CA PRO C 84 14.35 21.81 24.22
C PRO C 84 15.83 21.66 23.86
N LYS C 85 16.55 22.73 23.79
CA LYS C 85 18.00 22.64 23.43
C LYS C 85 18.85 23.37 24.48
#